data_1WWK
#
_entry.id   1WWK
#
_cell.length_a   222.417
_cell.length_b   46.163
_cell.length_c   66.258
_cell.angle_alpha   90.00
_cell.angle_beta   92.53
_cell.angle_gamma   90.00
#
_symmetry.space_group_name_H-M   'C 1 2 1'
#
loop_
_entity.id
_entity.type
_entity.pdbx_description
1 polymer 'phosphoglycerate dehydrogenase'
2 non-polymer NICOTINAMIDE-ADENINE-DINUCLEOTIDE
3 water water
#
_entity_poly.entity_id   1
_entity_poly.type   'polypeptide(L)'
_entity_poly.pdbx_seq_one_letter_code
;MKRMKVLVAAPLHEKAIQVLKDAGLEVIYEEYPDEDRLVELVKDVEAIIVRSKPKVTRRVIESAPKLKVIARAGVGLDNI
DVEAAKEKGIEVVNAPAASSRSVAELAVGLMFSVARKIAFADRKMREGVWAKKEAMGIELEGKTIGIIGFGRIGYQVAKI
ANALGMNILLYDPYPNEERAKEVNGKFVDLETLLKESDVVTIHVPLVESTYHLINEERLKLMKKTAILINTSRGPVVDTN
ALVKALKEGWIAGAGLDVFEEEPLPKDHPLTKFDNVVLTPHIGASTVEAQERAGVEVAEKVVKILKG
;
_entity_poly.pdbx_strand_id   A,B
#
loop_
_chem_comp.id
_chem_comp.type
_chem_comp.name
_chem_comp.formula
NAD non-polymer NICOTINAMIDE-ADENINE-DINUCLEOTIDE 'C21 H27 N7 O14 P2'
#
# COMPACT_ATOMS: atom_id res chain seq x y z
N MET A 4 -26.71 -17.49 -34.02
CA MET A 4 -25.97 -16.23 -33.84
C MET A 4 -24.52 -16.47 -33.50
N LYS A 5 -23.65 -15.61 -34.06
CA LYS A 5 -22.21 -15.74 -33.78
C LYS A 5 -21.65 -14.48 -33.09
N VAL A 6 -20.76 -14.74 -32.13
CA VAL A 6 -19.99 -13.64 -31.55
C VAL A 6 -18.51 -13.77 -31.89
N LEU A 7 -17.96 -12.69 -32.48
CA LEU A 7 -16.52 -12.71 -32.74
C LEU A 7 -15.74 -12.17 -31.55
N VAL A 8 -14.92 -13.05 -30.97
CA VAL A 8 -13.96 -12.59 -29.96
C VAL A 8 -12.58 -12.33 -30.58
N ALA A 9 -12.28 -11.03 -30.76
CA ALA A 9 -11.05 -10.67 -31.48
C ALA A 9 -9.91 -10.30 -30.53
N ALA A 10 -10.13 -10.57 -29.24
CA ALA A 10 -9.05 -10.38 -28.27
C ALA A 10 -9.10 -11.48 -27.20
N PRO A 11 -7.99 -11.60 -26.45
CA PRO A 11 -7.91 -12.57 -25.38
C PRO A 11 -9.06 -12.40 -24.37
N LEU A 12 -9.78 -13.50 -24.13
CA LEU A 12 -10.90 -13.46 -23.19
C LEU A 12 -10.83 -14.63 -22.20
N HIS A 13 -11.25 -14.33 -20.95
CA HIS A 13 -11.21 -15.35 -19.91
C HIS A 13 -12.12 -16.54 -20.24
N GLU A 14 -11.79 -17.69 -19.65
CA GLU A 14 -12.58 -18.90 -19.90
C GLU A 14 -14.04 -18.72 -19.48
N LYS A 15 -14.23 -18.17 -18.27
CA LYS A 15 -15.58 -17.98 -17.78
C LYS A 15 -16.40 -17.05 -18.66
N ALA A 16 -15.70 -16.03 -19.21
CA ALA A 16 -16.39 -15.10 -20.10
C ALA A 16 -16.84 -15.77 -21.40
N ILE A 17 -15.94 -16.60 -21.94
CA ILE A 17 -16.26 -17.36 -23.14
C ILE A 17 -17.42 -18.28 -22.81
N GLN A 18 -17.36 -18.85 -21.61
CA GLN A 18 -18.38 -19.78 -21.14
C GLN A 18 -19.77 -19.15 -21.05
N VAL A 19 -19.82 -17.86 -20.72
CA VAL A 19 -21.10 -17.17 -20.62
C VAL A 19 -21.74 -17.10 -22.01
N LEU A 20 -20.92 -16.93 -23.02
CA LEU A 20 -21.39 -16.86 -24.39
C LEU A 20 -21.93 -18.21 -24.84
N LYS A 21 -21.16 -19.27 -24.61
CA LYS A 21 -21.59 -20.61 -24.99
C LYS A 21 -22.81 -21.11 -24.23
N ASP A 22 -22.86 -20.87 -22.92
CA ASP A 22 -24.00 -21.31 -22.14
C ASP A 22 -25.28 -20.67 -22.67
N ALA A 23 -25.14 -19.56 -23.38
CA ALA A 23 -26.29 -18.88 -23.96
C ALA A 23 -26.64 -19.48 -25.33
N GLY A 24 -25.79 -20.38 -25.81
CA GLY A 24 -26.05 -21.01 -27.09
C GLY A 24 -25.52 -20.25 -28.29
N LEU A 25 -24.67 -19.26 -28.05
CA LEU A 25 -24.11 -18.46 -29.13
C LEU A 25 -22.86 -19.13 -29.69
N GLU A 26 -22.62 -18.95 -30.98
CA GLU A 26 -21.44 -19.50 -31.63
C GLU A 26 -20.32 -18.49 -31.37
N VAL A 27 -19.14 -18.99 -31.01
CA VAL A 27 -18.01 -18.12 -30.74
C VAL A 27 -16.89 -18.34 -31.76
N ILE A 28 -16.52 -17.27 -32.44
CA ILE A 28 -15.36 -17.22 -33.33
C ILE A 28 -14.18 -16.52 -32.65
N TYR A 29 -13.08 -17.28 -32.44
CA TYR A 29 -12.04 -16.68 -31.58
C TYR A 29 -10.69 -16.52 -32.30
N GLU A 30 -10.39 -15.26 -32.68
CA GLU A 30 -9.09 -14.96 -33.32
C GLU A 30 -8.57 -13.56 -32.89
N GLU A 31 -7.63 -13.52 -31.90
CA GLU A 31 -7.19 -12.22 -31.36
C GLU A 31 -6.43 -11.37 -32.35
N TYR A 32 -6.66 -10.05 -32.17
CA TYR A 32 -5.89 -9.03 -32.85
C TYR A 32 -5.66 -9.34 -34.33
N PRO A 33 -6.77 -9.55 -35.06
CA PRO A 33 -6.73 -9.61 -36.52
C PRO A 33 -6.51 -8.22 -37.14
N ASP A 34 -5.93 -8.20 -38.34
CA ASP A 34 -5.77 -6.92 -39.01
C ASP A 34 -7.11 -6.48 -39.62
N GLU A 35 -7.15 -5.24 -40.11
CA GLU A 35 -8.46 -4.79 -40.56
C GLU A 35 -9.03 -5.70 -41.65
N ASP A 36 -8.19 -6.00 -42.66
CA ASP A 36 -8.65 -6.84 -43.76
C ASP A 36 -9.30 -8.13 -43.25
N ARG A 37 -8.58 -8.81 -42.35
CA ARG A 37 -9.08 -10.06 -41.80
C ARG A 37 -10.35 -9.84 -40.96
N LEU A 38 -10.33 -8.74 -40.19
CA LEU A 38 -11.48 -8.43 -39.34
C LEU A 38 -12.74 -8.25 -40.19
N VAL A 39 -12.60 -7.42 -41.25
CA VAL A 39 -13.73 -7.17 -42.13
C VAL A 39 -14.35 -8.48 -42.64
N GLU A 40 -13.49 -9.50 -42.77
CA GLU A 40 -13.95 -10.78 -43.30
C GLU A 40 -14.59 -11.65 -42.22
N LEU A 41 -14.27 -11.31 -40.95
CA LEU A 41 -14.75 -12.13 -39.85
C LEU A 41 -16.10 -11.64 -39.30
N VAL A 42 -16.42 -10.38 -39.62
CA VAL A 42 -17.60 -9.76 -39.02
C VAL A 42 -18.84 -9.86 -39.91
N LYS A 43 -18.64 -10.40 -41.12
CA LYS A 43 -19.74 -10.43 -42.08
C LYS A 43 -20.99 -11.11 -41.52
N ASP A 44 -20.76 -12.17 -40.72
CA ASP A 44 -21.89 -12.99 -40.29
C ASP A 44 -22.05 -13.05 -38.77
N VAL A 45 -21.52 -12.01 -38.09
CA VAL A 45 -21.61 -12.01 -36.64
C VAL A 45 -22.61 -10.95 -36.14
N GLU A 46 -23.26 -11.30 -35.03
CA GLU A 46 -24.22 -10.42 -34.39
C GLU A 46 -23.52 -9.53 -33.36
N ALA A 47 -22.32 -9.93 -32.95
CA ALA A 47 -21.62 -9.14 -31.96
C ALA A 47 -20.09 -9.28 -32.07
N ILE A 48 -19.38 -8.25 -31.57
CA ILE A 48 -17.93 -8.31 -31.53
C ILE A 48 -17.41 -7.89 -30.15
N ILE A 49 -16.47 -8.68 -29.61
CA ILE A 49 -15.86 -8.31 -28.35
C ILE A 49 -14.36 -8.03 -28.50
N VAL A 50 -13.96 -6.82 -28.07
CA VAL A 50 -12.56 -6.46 -28.16
C VAL A 50 -12.04 -5.86 -26.85
N ARG A 51 -10.69 -5.81 -26.74
CA ARG A 51 -10.10 -5.03 -25.66
C ARG A 51 -9.70 -3.65 -26.17
N SER A 52 -8.49 -3.19 -25.79
CA SER A 52 -8.02 -1.92 -26.34
C SER A 52 -7.80 -2.02 -27.85
N LYS A 53 -7.67 -3.29 -28.30
CA LYS A 53 -7.65 -3.60 -29.73
C LYS A 53 -8.34 -4.94 -29.96
N PRO A 54 -8.67 -5.26 -31.23
CA PRO A 54 -8.28 -4.44 -32.38
C PRO A 54 -9.16 -3.20 -32.56
N LYS A 55 -8.85 -2.45 -33.63
CA LYS A 55 -9.61 -1.24 -33.95
C LYS A 55 -10.89 -1.58 -34.73
N VAL A 56 -12.04 -1.19 -34.16
CA VAL A 56 -13.29 -1.38 -34.87
C VAL A 56 -13.66 -0.15 -35.70
N THR A 57 -13.12 -0.11 -36.92
CA THR A 57 -13.30 1.07 -37.77
C THR A 57 -14.66 1.07 -38.48
N ARG A 58 -14.93 2.20 -39.16
CA ARG A 58 -16.16 2.30 -39.93
C ARG A 58 -16.23 1.23 -41.02
N ARG A 59 -15.08 1.03 -41.69
CA ARG A 59 -15.04 0.01 -42.73
C ARG A 59 -15.48 -1.34 -42.19
N VAL A 60 -15.00 -1.66 -40.98
CA VAL A 60 -15.37 -2.93 -40.37
C VAL A 60 -16.87 -3.00 -40.08
N ILE A 61 -17.39 -1.90 -39.52
CA ILE A 61 -18.80 -1.88 -39.15
C ILE A 61 -19.72 -1.96 -40.36
N GLU A 62 -19.37 -1.16 -41.40
CA GLU A 62 -20.20 -1.14 -42.59
C GLU A 62 -20.18 -2.49 -43.33
N SER A 63 -19.30 -3.39 -42.85
CA SER A 63 -19.20 -4.70 -43.48
C SER A 63 -19.88 -5.79 -42.64
N ALA A 64 -20.55 -5.35 -41.57
CA ALA A 64 -21.22 -6.31 -40.69
C ALA A 64 -22.73 -6.10 -40.66
N PRO A 65 -23.41 -6.78 -41.60
CA PRO A 65 -24.85 -6.60 -41.80
C PRO A 65 -25.69 -7.03 -40.58
N LYS A 66 -25.12 -7.97 -39.79
CA LYS A 66 -25.90 -8.53 -38.69
C LYS A 66 -25.52 -7.91 -37.34
N LEU A 67 -24.46 -7.08 -37.36
CA LEU A 67 -23.91 -6.56 -36.11
C LEU A 67 -24.97 -5.88 -35.24
N LYS A 68 -25.07 -6.36 -33.98
CA LYS A 68 -26.04 -5.76 -33.06
C LYS A 68 -25.34 -4.94 -31.98
N VAL A 69 -24.16 -5.44 -31.55
CA VAL A 69 -23.45 -4.78 -30.47
C VAL A 69 -21.93 -4.95 -30.60
N ILE A 70 -21.24 -3.90 -30.18
CA ILE A 70 -19.79 -3.86 -30.16
C ILE A 70 -19.46 -3.74 -28.68
N ALA A 71 -18.69 -4.70 -28.17
CA ALA A 71 -18.33 -4.71 -26.76
C ALA A 71 -16.84 -4.58 -26.51
N ARG A 72 -16.50 -3.73 -25.55
CA ARG A 72 -15.14 -3.51 -25.11
C ARG A 72 -14.94 -4.03 -23.69
N ALA A 73 -14.04 -5.02 -23.57
CA ALA A 73 -13.78 -5.59 -22.27
C ALA A 73 -12.86 -4.70 -21.45
N GLY A 74 -13.44 -3.62 -20.91
CA GLY A 74 -12.64 -2.66 -20.15
C GLY A 74 -13.24 -1.26 -20.21
N VAL A 75 -12.35 -0.25 -20.14
CA VAL A 75 -12.82 1.13 -20.14
C VAL A 75 -12.43 1.89 -21.41
N GLY A 76 -13.33 2.78 -21.86
CA GLY A 76 -13.01 3.63 -23.00
C GLY A 76 -13.34 2.96 -24.33
N LEU A 77 -13.71 3.80 -25.31
CA LEU A 77 -14.02 3.27 -26.65
C LEU A 77 -13.22 3.99 -27.73
N ASP A 78 -11.98 4.35 -27.39
CA ASP A 78 -11.15 5.08 -28.34
C ASP A 78 -10.83 4.25 -29.59
N ASN A 79 -10.91 2.91 -29.45
CA ASN A 79 -10.59 2.07 -30.60
C ASN A 79 -11.84 1.68 -31.41
N ILE A 80 -12.97 2.28 -31.04
CA ILE A 80 -14.23 1.98 -31.72
C ILE A 80 -14.84 3.24 -32.34
N ASP A 81 -15.19 3.13 -33.62
CA ASP A 81 -15.80 4.26 -34.31
C ASP A 81 -17.23 4.36 -33.80
N VAL A 82 -17.40 5.04 -32.68
CA VAL A 82 -18.70 5.20 -32.06
C VAL A 82 -19.74 5.89 -32.94
N GLU A 83 -19.28 6.75 -33.85
CA GLU A 83 -20.20 7.46 -34.75
C GLU A 83 -20.79 6.50 -35.77
N ALA A 84 -19.95 5.68 -36.39
CA ALA A 84 -20.40 4.72 -37.38
C ALA A 84 -21.39 3.76 -36.73
N ALA A 85 -21.06 3.30 -35.52
CA ALA A 85 -21.93 2.39 -34.80
C ALA A 85 -23.30 3.04 -34.63
N LYS A 86 -23.30 4.26 -34.12
CA LYS A 86 -24.55 4.99 -33.91
C LYS A 86 -25.39 5.09 -35.18
N GLU A 87 -24.73 5.33 -36.31
CA GLU A 87 -25.43 5.44 -37.59
C GLU A 87 -26.19 4.17 -37.95
N LYS A 88 -25.60 3.02 -37.67
CA LYS A 88 -26.22 1.74 -37.98
C LYS A 88 -27.13 1.22 -36.86
N GLY A 89 -27.22 1.98 -35.78
CA GLY A 89 -28.05 1.58 -34.66
C GLY A 89 -27.43 0.44 -33.87
N ILE A 90 -26.11 0.37 -33.89
CA ILE A 90 -25.36 -0.67 -33.17
C ILE A 90 -24.96 -0.21 -31.78
N GLU A 91 -25.32 -0.99 -30.76
CA GLU A 91 -24.98 -0.63 -29.40
C GLU A 91 -23.49 -0.82 -29.13
N VAL A 92 -22.92 0.08 -28.33
CA VAL A 92 -21.52 0.01 -27.97
C VAL A 92 -21.45 -0.03 -26.45
N VAL A 93 -20.97 -1.14 -25.90
CA VAL A 93 -20.89 -1.30 -24.45
C VAL A 93 -19.48 -1.55 -23.94
N ASN A 94 -19.26 -1.29 -22.66
CA ASN A 94 -17.97 -1.50 -22.01
C ASN A 94 -18.15 -1.97 -20.58
N ALA A 95 -17.05 -2.10 -19.84
CA ALA A 95 -17.12 -2.58 -18.46
C ALA A 95 -16.22 -1.78 -17.50
N PRO A 96 -16.52 -0.49 -17.31
CA PRO A 96 -15.71 0.35 -16.41
C PRO A 96 -15.77 -0.16 -14.98
N ALA A 97 -16.98 -0.48 -14.51
CA ALA A 97 -17.16 -0.96 -13.15
C ALA A 97 -16.28 -2.16 -12.82
N ALA A 98 -15.86 -2.89 -13.84
CA ALA A 98 -15.04 -4.08 -13.61
C ALA A 98 -13.70 -3.82 -12.93
N SER A 99 -13.11 -2.65 -13.16
CA SER A 99 -11.80 -2.34 -12.57
C SER A 99 -11.82 -1.23 -11.50
N SER A 100 -13.01 -0.80 -11.08
CA SER A 100 -13.11 0.28 -10.10
C SER A 100 -12.33 -0.03 -8.83
N ARG A 101 -12.55 -1.23 -8.29
CA ARG A 101 -11.88 -1.62 -7.06
C ARG A 101 -10.38 -1.73 -7.21
N SER A 102 -9.94 -2.29 -8.33
CA SER A 102 -8.51 -2.46 -8.55
C SER A 102 -7.79 -1.13 -8.70
N VAL A 103 -8.41 -0.15 -9.34
CA VAL A 103 -7.77 1.15 -9.49
C VAL A 103 -7.70 1.79 -8.12
N ALA A 104 -8.78 1.68 -7.34
CA ALA A 104 -8.80 2.25 -6.01
C ALA A 104 -7.71 1.61 -5.15
N GLU A 105 -7.58 0.29 -5.25
CA GLU A 105 -6.57 -0.39 -4.44
C GLU A 105 -5.17 0.06 -4.82
N LEU A 106 -4.91 0.31 -6.11
CA LEU A 106 -3.60 0.79 -6.52
C LEU A 106 -3.35 2.18 -5.94
N ALA A 107 -4.37 3.04 -6.00
CA ALA A 107 -4.24 4.40 -5.48
C ALA A 107 -3.83 4.35 -4.01
N VAL A 108 -4.47 3.46 -3.26
CA VAL A 108 -4.17 3.29 -1.84
C VAL A 108 -2.78 2.70 -1.68
N GLY A 109 -2.43 1.78 -2.57
CA GLY A 109 -1.10 1.18 -2.53
C GLY A 109 -0.05 2.25 -2.76
N LEU A 110 -0.30 3.14 -3.72
CA LEU A 110 0.64 4.21 -4.03
C LEU A 110 0.78 5.15 -2.82
N MET A 111 -0.36 5.46 -2.19
CA MET A 111 -0.34 6.33 -1.01
C MET A 111 0.56 5.72 0.06
N PHE A 112 0.42 4.42 0.32
CA PHE A 112 1.26 3.75 1.31
C PHE A 112 2.74 3.79 0.92
N SER A 113 3.02 3.51 -0.36
CA SER A 113 4.41 3.49 -0.83
C SER A 113 5.08 4.85 -0.70
N VAL A 114 4.35 5.91 -0.98
CA VAL A 114 4.90 7.26 -0.86
C VAL A 114 5.03 7.66 0.62
N ALA A 115 3.94 7.52 1.38
CA ALA A 115 3.94 7.91 2.78
C ALA A 115 5.00 7.18 3.62
N ARG A 116 5.24 5.89 3.29
CA ARG A 116 6.19 5.14 4.11
C ARG A 116 7.52 4.88 3.38
N LYS A 117 7.66 5.54 2.20
CA LYS A 117 8.91 5.42 1.44
C LYS A 117 9.33 3.96 1.17
N ILE A 118 8.34 3.12 0.78
CA ILE A 118 8.60 1.69 0.59
C ILE A 118 9.39 1.39 -0.71
N ALA A 119 8.99 1.99 -1.83
CA ALA A 119 9.72 1.76 -3.09
C ALA A 119 11.14 2.30 -2.93
N PHE A 120 11.25 3.47 -2.33
CA PHE A 120 12.55 4.12 -2.10
C PHE A 120 13.48 3.20 -1.30
N ALA A 121 13.01 2.79 -0.13
CA ALA A 121 13.78 1.92 0.75
C ALA A 121 14.15 0.60 0.10
N ASP A 122 13.23 0.04 -0.69
CA ASP A 122 13.48 -1.24 -1.35
C ASP A 122 14.56 -1.02 -2.42
N ARG A 123 14.42 0.08 -3.15
CA ARG A 123 15.36 0.43 -4.20
C ARG A 123 16.77 0.57 -3.61
N LYS A 124 16.87 1.24 -2.46
CA LYS A 124 18.16 1.43 -1.80
C LYS A 124 18.76 0.13 -1.29
N MET A 125 17.90 -0.72 -0.74
CA MET A 125 18.33 -2.02 -0.22
C MET A 125 19.06 -2.83 -1.29
N ARG A 126 18.54 -2.79 -2.51
CA ARG A 126 19.13 -3.53 -3.62
C ARG A 126 20.47 -2.95 -4.07
N GLU A 127 20.78 -1.74 -3.55
CA GLU A 127 22.05 -1.13 -3.87
C GLU A 127 23.05 -1.29 -2.73
N GLY A 128 22.68 -2.17 -1.77
CA GLY A 128 23.56 -2.45 -0.65
C GLY A 128 23.45 -1.36 0.43
N VAL A 129 22.44 -0.48 0.27
CA VAL A 129 22.29 0.61 1.23
C VAL A 129 21.12 0.37 2.18
N TRP A 130 21.43 0.54 3.48
CA TRP A 130 20.41 0.37 4.52
C TRP A 130 19.87 1.74 4.96
N ALA A 131 18.81 2.19 4.26
CA ALA A 131 18.39 3.58 4.40
C ALA A 131 17.30 3.80 5.45
N LYS A 132 17.48 3.16 6.62
CA LYS A 132 16.50 3.34 7.69
C LYS A 132 16.36 4.82 8.07
N LYS A 133 17.52 5.48 8.20
CA LYS A 133 17.52 6.87 8.65
C LYS A 133 16.66 7.78 7.76
N GLU A 134 16.63 7.48 6.45
CA GLU A 134 15.87 8.37 5.57
C GLU A 134 14.53 7.75 5.12
N ALA A 135 14.20 6.58 5.70
CA ALA A 135 12.90 5.99 5.42
C ALA A 135 11.87 6.39 6.49
N MET A 136 12.17 7.47 7.22
CA MET A 136 11.19 7.98 8.16
C MET A 136 9.95 8.52 7.41
N GLY A 137 8.78 7.92 7.72
CA GLY A 137 7.58 8.31 6.99
C GLY A 137 6.47 8.79 7.93
N ILE A 138 5.24 8.60 7.47
CA ILE A 138 4.11 9.03 8.25
C ILE A 138 3.02 7.98 8.39
N GLU A 139 2.31 8.09 9.51
CA GLU A 139 1.21 7.21 9.84
C GLU A 139 -0.04 7.83 9.20
N LEU A 140 -0.89 7.01 8.62
CA LEU A 140 -2.07 7.45 7.88
C LEU A 140 -3.34 7.61 8.76
N GLU A 141 -3.43 6.82 9.84
CA GLU A 141 -4.62 6.93 10.68
C GLU A 141 -4.84 8.36 11.17
N GLY A 142 -6.08 8.87 10.96
CA GLY A 142 -6.42 10.20 11.46
C GLY A 142 -6.12 11.29 10.43
N LYS A 143 -5.39 10.97 9.37
CA LYS A 143 -5.06 11.96 8.34
C LYS A 143 -6.27 12.25 7.45
N THR A 144 -6.24 13.39 6.77
CA THR A 144 -7.35 13.73 5.89
C THR A 144 -7.00 13.44 4.45
N ILE A 145 -7.86 12.69 3.77
CA ILE A 145 -7.63 12.41 2.37
C ILE A 145 -8.68 13.18 1.57
N GLY A 146 -8.21 13.90 0.56
CA GLY A 146 -9.12 14.67 -0.27
C GLY A 146 -9.32 13.95 -1.60
N ILE A 147 -10.55 13.52 -1.83
CA ILE A 147 -10.91 12.81 -3.06
C ILE A 147 -11.57 13.73 -4.06
N ILE A 148 -10.86 14.00 -5.16
CA ILE A 148 -11.36 14.85 -6.24
C ILE A 148 -11.96 13.94 -7.29
N GLY A 149 -13.29 13.92 -7.37
CA GLY A 149 -13.96 13.06 -8.33
C GLY A 149 -14.53 11.91 -7.53
N PHE A 150 -15.77 12.07 -7.08
CA PHE A 150 -16.44 11.07 -6.26
C PHE A 150 -17.37 10.21 -7.12
N GLY A 151 -16.77 9.36 -7.95
CA GLY A 151 -17.54 8.48 -8.82
C GLY A 151 -17.32 7.04 -8.42
N ARG A 152 -17.23 6.15 -9.42
CA ARG A 152 -17.03 4.74 -9.14
C ARG A 152 -15.75 4.47 -8.36
N ILE A 153 -14.63 4.95 -8.88
CA ILE A 153 -13.35 4.73 -8.21
C ILE A 153 -13.21 5.58 -6.94
N GLY A 154 -13.62 6.83 -7.01
CA GLY A 154 -13.54 7.70 -5.84
C GLY A 154 -14.28 7.06 -4.68
N TYR A 155 -15.45 6.49 -4.96
CA TYR A 155 -16.23 5.85 -3.90
C TYR A 155 -15.42 4.72 -3.25
N GLN A 156 -14.84 3.86 -4.07
CA GLN A 156 -14.06 2.74 -3.55
C GLN A 156 -12.90 3.23 -2.70
N VAL A 157 -12.25 4.31 -3.14
CA VAL A 157 -11.14 4.83 -2.34
C VAL A 157 -11.64 5.31 -0.97
N ALA A 158 -12.80 6.00 -1.00
CA ALA A 158 -13.38 6.46 0.25
C ALA A 158 -13.66 5.29 1.18
N LYS A 159 -14.19 4.20 0.59
CA LYS A 159 -14.44 3.00 1.38
C LYS A 159 -13.17 2.56 2.12
N ILE A 160 -12.06 2.53 1.35
CA ILE A 160 -10.79 2.07 1.93
C ILE A 160 -10.21 3.09 2.91
N ALA A 161 -10.38 4.38 2.56
CA ALA A 161 -9.91 5.41 3.48
C ALA A 161 -10.58 5.27 4.85
N ASN A 162 -11.89 5.06 4.80
CA ASN A 162 -12.67 4.86 6.03
C ASN A 162 -12.11 3.64 6.76
N ALA A 163 -11.59 2.67 6.00
CA ALA A 163 -11.02 1.47 6.58
C ALA A 163 -9.71 1.79 7.32
N LEU A 164 -9.03 2.82 6.85
CA LEU A 164 -7.77 3.23 7.43
C LEU A 164 -7.95 4.28 8.52
N GLY A 165 -9.20 4.61 8.83
CA GLY A 165 -9.44 5.61 9.86
C GLY A 165 -9.08 7.03 9.44
N MET A 166 -9.14 7.31 8.13
CA MET A 166 -8.81 8.63 7.63
C MET A 166 -10.05 9.52 7.54
N ASN A 167 -9.84 10.83 7.68
CA ASN A 167 -10.84 11.87 7.45
C ASN A 167 -11.04 12.13 5.96
N ILE A 168 -12.29 11.98 5.52
CA ILE A 168 -12.57 12.02 4.10
C ILE A 168 -13.18 13.36 3.66
N LEU A 169 -12.50 13.98 2.68
CA LEU A 169 -13.02 15.14 1.98
C LEU A 169 -13.28 14.85 0.50
N LEU A 170 -14.49 15.24 0.05
CA LEU A 170 -14.84 15.01 -1.35
C LEU A 170 -15.20 16.30 -2.08
N TYR A 171 -14.80 16.36 -3.36
CA TYR A 171 -15.22 17.49 -4.17
C TYR A 171 -15.67 17.05 -5.56
N ASP A 172 -16.99 17.18 -5.75
CA ASP A 172 -17.57 16.78 -7.03
C ASP A 172 -18.69 17.74 -7.46
N PRO A 173 -18.52 18.29 -8.68
CA PRO A 173 -19.49 19.20 -9.25
C PRO A 173 -20.91 18.61 -9.22
N TYR A 174 -20.93 17.27 -9.21
CA TYR A 174 -22.19 16.56 -9.09
C TYR A 174 -22.17 15.58 -7.91
N PRO A 175 -22.27 16.16 -6.70
CA PRO A 175 -22.11 15.39 -5.47
C PRO A 175 -23.25 14.39 -5.27
N ASN A 176 -22.85 13.14 -4.95
CA ASN A 176 -23.86 12.15 -4.61
C ASN A 176 -24.02 12.02 -3.09
N GLU A 177 -24.98 12.73 -2.52
CA GLU A 177 -25.14 12.80 -1.07
C GLU A 177 -25.30 11.45 -0.37
N GLU A 178 -26.08 10.56 -0.97
CA GLU A 178 -26.31 9.25 -0.36
C GLU A 178 -25.02 8.47 -0.18
N ARG A 179 -24.26 8.33 -1.27
CA ARG A 179 -23.01 7.59 -1.23
C ARG A 179 -21.98 8.22 -0.29
N ALA A 180 -21.96 9.55 -0.24
CA ALA A 180 -21.03 10.26 0.63
C ALA A 180 -21.33 9.95 2.08
N LYS A 181 -22.61 9.80 2.38
CA LYS A 181 -23.05 9.51 3.74
C LYS A 181 -22.62 8.09 4.13
N GLU A 182 -22.62 7.18 3.17
CA GLU A 182 -22.22 5.79 3.42
C GLU A 182 -20.76 5.69 3.84
N VAL A 183 -19.92 6.60 3.36
CA VAL A 183 -18.49 6.57 3.68
C VAL A 183 -18.08 7.71 4.60
N ASN A 184 -19.08 8.39 5.18
CA ASN A 184 -18.83 9.50 6.09
C ASN A 184 -17.93 10.56 5.44
N GLY A 185 -18.18 10.85 4.16
CA GLY A 185 -17.40 11.84 3.45
C GLY A 185 -18.12 13.18 3.39
N LYS A 186 -17.37 14.26 3.52
CA LYS A 186 -17.97 15.60 3.48
C LYS A 186 -17.59 16.37 2.22
N PHE A 187 -18.60 16.89 1.53
CA PHE A 187 -18.37 17.67 0.32
C PHE A 187 -17.93 19.08 0.64
N VAL A 188 -16.89 19.56 -0.04
CA VAL A 188 -16.37 20.91 0.17
C VAL A 188 -15.94 21.46 -1.18
N ASP A 189 -15.60 22.74 -1.23
CA ASP A 189 -15.14 23.33 -2.48
C ASP A 189 -13.72 22.81 -2.72
N LEU A 190 -13.24 22.92 -3.95
CA LEU A 190 -11.91 22.41 -4.29
C LEU A 190 -10.80 23.11 -3.52
N GLU A 191 -10.93 24.40 -3.29
CA GLU A 191 -9.91 25.14 -2.55
C GLU A 191 -9.75 24.56 -1.14
N THR A 192 -10.87 24.40 -0.44
CA THR A 192 -10.81 23.85 0.90
C THR A 192 -10.18 22.46 0.92
N LEU A 193 -10.56 21.61 -0.03
CA LEU A 193 -10.00 20.26 -0.09
C LEU A 193 -8.48 20.32 -0.25
N LEU A 194 -8.01 21.11 -1.22
CA LEU A 194 -6.58 21.25 -1.47
C LEU A 194 -5.82 21.76 -0.25
N LYS A 195 -6.40 22.74 0.44
CA LYS A 195 -5.76 23.32 1.63
C LYS A 195 -5.78 22.45 2.88
N GLU A 196 -6.82 21.63 3.06
CA GLU A 196 -6.92 20.82 4.26
C GLU A 196 -6.55 19.33 4.16
N SER A 197 -6.27 18.85 2.97
CA SER A 197 -5.91 17.44 2.80
C SER A 197 -4.45 17.11 3.02
N ASP A 198 -4.19 15.91 3.56
CA ASP A 198 -2.83 15.45 3.77
C ASP A 198 -2.47 14.54 2.60
N VAL A 199 -3.52 14.08 1.93
CA VAL A 199 -3.40 13.21 0.76
C VAL A 199 -4.50 13.62 -0.21
N VAL A 200 -4.12 13.98 -1.43
CA VAL A 200 -5.09 14.37 -2.44
C VAL A 200 -5.02 13.33 -3.56
N THR A 201 -6.14 12.67 -3.85
CA THR A 201 -6.15 11.65 -4.90
C THR A 201 -7.16 12.02 -5.97
N ILE A 202 -6.73 11.93 -7.23
CA ILE A 202 -7.57 12.33 -8.38
C ILE A 202 -8.30 11.18 -9.06
N HIS A 203 -9.61 11.34 -9.22
CA HIS A 203 -10.43 10.31 -9.83
C HIS A 203 -11.51 10.94 -10.72
N VAL A 204 -11.09 11.78 -11.66
CA VAL A 204 -12.03 12.44 -12.56
C VAL A 204 -11.80 12.03 -14.01
N PRO A 205 -12.81 12.19 -14.86
CA PRO A 205 -12.51 11.80 -16.22
C PRO A 205 -11.77 12.94 -16.88
N LEU A 206 -11.16 12.68 -18.02
CA LEU A 206 -10.40 13.69 -18.73
C LEU A 206 -11.31 14.35 -19.76
N VAL A 207 -11.65 15.60 -19.48
CA VAL A 207 -12.50 16.41 -20.34
C VAL A 207 -11.86 17.79 -20.36
N GLU A 208 -12.32 18.68 -21.23
CA GLU A 208 -11.75 20.02 -21.30
C GLU A 208 -11.71 20.66 -19.92
N SER A 209 -12.76 20.41 -19.15
CA SER A 209 -12.89 20.95 -17.79
C SER A 209 -11.85 20.46 -16.79
N THR A 210 -11.27 19.28 -17.03
CA THR A 210 -10.29 18.73 -16.11
C THR A 210 -8.86 18.72 -16.67
N TYR A 211 -8.68 19.14 -17.92
CA TYR A 211 -7.34 19.18 -18.50
C TYR A 211 -6.49 20.09 -17.62
N HIS A 212 -5.37 19.57 -17.14
CA HIS A 212 -4.47 20.31 -16.27
C HIS A 212 -5.20 20.92 -15.06
N LEU A 213 -6.18 20.15 -14.54
CA LEU A 213 -6.92 20.62 -13.38
C LEU A 213 -5.97 20.91 -12.21
N ILE A 214 -5.04 19.95 -12.01
CA ILE A 214 -3.96 20.20 -11.05
C ILE A 214 -2.84 21.00 -11.71
N ASN A 215 -2.85 22.32 -11.45
CA ASN A 215 -1.79 23.18 -11.99
C ASN A 215 -1.02 23.88 -10.87
N GLU A 216 -0.08 24.74 -11.27
CA GLU A 216 0.74 25.44 -10.29
C GLU A 216 -0.10 26.10 -9.19
N GLU A 217 -1.16 26.81 -9.64
CA GLU A 217 -2.01 27.52 -8.68
C GLU A 217 -2.52 26.60 -7.56
N ARG A 218 -3.04 25.42 -7.97
CA ARG A 218 -3.62 24.50 -6.98
C ARG A 218 -2.56 23.71 -6.20
N LEU A 219 -1.43 23.42 -6.83
CA LEU A 219 -0.36 22.70 -6.14
C LEU A 219 0.13 23.56 -4.97
N LYS A 220 0.26 24.86 -5.22
CA LYS A 220 0.72 25.78 -4.18
C LYS A 220 -0.25 25.88 -3.02
N LEU A 221 -1.53 25.58 -3.26
CA LEU A 221 -2.53 25.62 -2.20
C LEU A 221 -2.41 24.42 -1.27
N MET A 222 -1.92 23.30 -1.79
CA MET A 222 -1.77 22.07 -1.00
C MET A 222 -0.76 22.25 0.12
N LYS A 223 -0.86 21.41 1.15
CA LYS A 223 0.08 21.49 2.28
C LYS A 223 1.47 21.07 1.79
N LYS A 224 2.52 21.63 2.39
CA LYS A 224 3.86 21.26 1.98
C LYS A 224 4.12 19.80 2.35
N THR A 225 3.36 19.33 3.33
CA THR A 225 3.49 17.96 3.81
C THR A 225 2.55 16.99 3.07
N ALA A 226 1.78 17.50 2.12
CA ALA A 226 0.81 16.69 1.38
C ALA A 226 1.37 15.80 0.27
N ILE A 227 0.62 14.74 -0.04
CA ILE A 227 0.99 13.78 -1.07
C ILE A 227 -0.10 13.77 -2.15
N LEU A 228 0.32 13.78 -3.40
CA LEU A 228 -0.60 13.77 -4.53
C LEU A 228 -0.64 12.39 -5.19
N ILE A 229 -1.82 11.87 -5.41
CA ILE A 229 -2.04 10.60 -6.10
C ILE A 229 -2.90 10.81 -7.35
N ASN A 230 -2.35 10.34 -8.49
CA ASN A 230 -3.10 10.46 -9.72
C ASN A 230 -3.21 9.12 -10.46
N THR A 231 -4.43 8.56 -10.41
CA THR A 231 -4.69 7.33 -11.14
C THR A 231 -5.79 7.53 -12.19
N SER A 232 -6.19 8.81 -12.37
CA SER A 232 -7.18 9.12 -13.38
C SER A 232 -6.57 9.10 -14.78
N ARG A 233 -6.22 10.31 -15.28
CA ARG A 233 -5.51 10.40 -16.55
C ARG A 233 -4.34 11.39 -16.46
N GLY A 234 -3.29 11.12 -17.27
CA GLY A 234 -2.10 11.96 -17.23
C GLY A 234 -2.43 13.46 -17.29
N PRO A 235 -3.00 13.83 -18.45
CA PRO A 235 -3.28 15.24 -18.76
C PRO A 235 -4.12 15.92 -17.67
N VAL A 236 -4.75 15.22 -16.73
CA VAL A 236 -5.46 15.92 -15.66
C VAL A 236 -4.46 16.71 -14.81
N VAL A 237 -3.22 16.23 -14.76
CA VAL A 237 -2.16 16.88 -13.99
C VAL A 237 -1.14 17.57 -14.90
N ASP A 238 -0.83 18.83 -14.60
CA ASP A 238 0.16 19.56 -15.38
C ASP A 238 1.50 19.01 -14.92
N THR A 239 2.06 18.09 -15.71
CA THR A 239 3.33 17.48 -15.37
C THR A 239 4.41 18.49 -14.99
N ASN A 240 4.59 19.51 -15.82
CA ASN A 240 5.60 20.51 -15.57
C ASN A 240 5.40 21.21 -14.24
N ALA A 241 4.17 21.55 -13.92
CA ALA A 241 3.86 22.20 -12.65
C ALA A 241 4.14 21.23 -11.51
N LEU A 242 3.79 19.96 -11.68
CA LEU A 242 4.03 18.97 -10.62
C LEU A 242 5.53 18.82 -10.38
N VAL A 243 6.31 18.76 -11.47
CA VAL A 243 7.76 18.63 -11.35
C VAL A 243 8.31 19.81 -10.55
N LYS A 244 7.83 21.01 -10.86
CA LYS A 244 8.26 22.24 -10.17
C LYS A 244 7.86 22.19 -8.69
N ALA A 245 6.65 21.71 -8.43
CA ALA A 245 6.17 21.62 -7.05
C ALA A 245 7.04 20.66 -6.24
N LEU A 246 7.46 19.56 -6.87
CA LEU A 246 8.29 18.58 -6.18
C LEU A 246 9.69 19.11 -5.92
N LYS A 247 10.24 19.78 -6.93
CA LYS A 247 11.58 20.36 -6.83
C LYS A 247 11.65 21.43 -5.73
N GLU A 248 10.66 22.33 -5.72
CA GLU A 248 10.63 23.40 -4.74
C GLU A 248 10.09 22.98 -3.38
N GLY A 249 9.53 21.78 -3.29
CA GLY A 249 8.99 21.31 -2.03
C GLY A 249 7.65 21.93 -1.68
N TRP A 250 6.80 22.13 -2.69
CA TRP A 250 5.47 22.69 -2.46
C TRP A 250 4.57 21.61 -1.87
N ILE A 251 4.89 20.36 -2.20
CA ILE A 251 4.20 19.18 -1.68
C ILE A 251 5.32 18.21 -1.30
N ALA A 252 4.99 17.18 -0.52
CA ALA A 252 5.99 16.23 -0.05
C ALA A 252 6.25 15.01 -0.93
N GLY A 253 5.34 14.73 -1.87
CA GLY A 253 5.55 13.57 -2.71
C GLY A 253 4.36 13.28 -3.60
N ALA A 254 4.53 12.34 -4.52
CA ALA A 254 3.44 12.00 -5.43
C ALA A 254 3.51 10.55 -5.86
N GLY A 255 2.33 9.94 -6.01
CA GLY A 255 2.23 8.57 -6.47
C GLY A 255 1.49 8.68 -7.79
N LEU A 256 2.09 8.20 -8.88
CA LEU A 256 1.47 8.35 -10.19
C LEU A 256 1.42 7.06 -11.00
N ASP A 257 0.27 6.81 -11.62
CA ASP A 257 0.06 5.62 -12.44
C ASP A 257 -0.19 6.00 -13.90
N VAL A 258 -0.47 7.27 -14.14
CA VAL A 258 -0.73 7.73 -15.50
C VAL A 258 0.08 9.00 -15.75
N PHE A 259 0.39 9.26 -17.02
CA PHE A 259 1.21 10.40 -17.42
C PHE A 259 0.78 11.00 -18.76
N GLU A 260 1.34 12.17 -19.08
CA GLU A 260 1.02 12.85 -20.33
C GLU A 260 1.80 12.26 -21.50
N GLU A 261 2.75 11.39 -21.19
CA GLU A 261 3.55 10.69 -22.17
C GLU A 261 3.60 9.23 -21.70
N GLU A 262 2.99 8.32 -22.46
CA GLU A 262 3.00 6.91 -22.08
C GLU A 262 3.40 6.01 -23.24
N PRO A 263 4.50 5.26 -23.10
CA PRO A 263 5.35 5.20 -21.91
C PRO A 263 6.09 6.51 -21.65
N LEU A 264 6.62 6.64 -20.44
CA LEU A 264 7.35 7.83 -20.05
C LEU A 264 8.68 7.83 -20.81
N PRO A 265 9.08 8.99 -21.35
CA PRO A 265 10.34 9.06 -22.09
C PRO A 265 11.54 8.78 -21.19
N LYS A 266 12.64 8.33 -21.78
CA LYS A 266 13.85 8.02 -21.02
C LYS A 266 14.34 9.25 -20.27
N ASP A 267 14.78 9.03 -19.02
CA ASP A 267 15.27 10.10 -18.16
C ASP A 267 14.29 11.23 -17.90
N HIS A 268 12.99 10.92 -17.92
CA HIS A 268 11.98 11.95 -17.66
C HIS A 268 12.21 12.55 -16.27
N PRO A 269 12.05 13.88 -16.13
CA PRO A 269 12.24 14.57 -14.85
C PRO A 269 11.61 13.89 -13.63
N LEU A 270 10.42 13.32 -13.79
CA LEU A 270 9.74 12.65 -12.68
C LEU A 270 10.49 11.46 -12.10
N THR A 271 11.25 10.77 -12.96
CA THR A 271 11.98 9.60 -12.51
C THR A 271 13.24 9.90 -11.70
N LYS A 272 13.51 11.19 -11.44
CA LYS A 272 14.70 11.57 -10.68
C LYS A 272 14.40 11.93 -9.22
N PHE A 273 13.12 11.90 -8.85
CA PHE A 273 12.72 12.23 -7.49
C PHE A 273 12.60 10.98 -6.63
N ASP A 274 13.20 11.02 -5.44
CA ASP A 274 13.10 9.90 -4.53
C ASP A 274 11.76 9.87 -3.81
N ASN A 275 11.05 11.01 -3.83
CA ASN A 275 9.76 11.08 -3.15
C ASN A 275 8.57 10.91 -4.08
N VAL A 276 8.72 10.10 -5.13
CA VAL A 276 7.61 9.82 -6.03
C VAL A 276 7.65 8.31 -6.28
N VAL A 277 6.49 7.73 -6.54
CA VAL A 277 6.40 6.29 -6.84
C VAL A 277 5.64 6.28 -8.15
N LEU A 278 6.25 5.69 -9.17
CA LEU A 278 5.66 5.65 -10.51
C LEU A 278 5.32 4.24 -10.97
N THR A 279 4.11 4.08 -11.52
CA THR A 279 3.69 2.78 -12.03
C THR A 279 3.24 2.93 -13.47
N PRO A 280 3.48 1.90 -14.31
CA PRO A 280 3.09 1.96 -15.72
C PRO A 280 1.64 1.75 -16.11
N HIS A 281 0.76 2.64 -15.62
CA HIS A 281 -0.67 2.59 -15.94
C HIS A 281 -1.23 1.17 -15.70
N ILE A 282 -1.02 0.68 -14.49
CA ILE A 282 -1.48 -0.64 -14.09
C ILE A 282 -2.67 -0.62 -13.14
N GLY A 283 -3.37 0.50 -13.10
CA GLY A 283 -4.54 0.63 -12.22
C GLY A 283 -5.55 -0.51 -12.38
N ALA A 284 -5.80 -0.92 -13.62
CA ALA A 284 -6.75 -2.00 -13.88
C ALA A 284 -6.07 -3.35 -14.09
N SER A 285 -4.76 -3.40 -13.84
CA SER A 285 -4.02 -4.64 -14.04
C SER A 285 -4.06 -5.69 -12.93
N THR A 286 -5.22 -6.30 -12.73
CA THR A 286 -5.33 -7.40 -11.77
C THR A 286 -6.07 -8.48 -12.55
N VAL A 287 -5.75 -9.73 -12.27
CA VAL A 287 -6.41 -10.81 -12.99
C VAL A 287 -7.91 -10.73 -12.74
N GLU A 288 -8.28 -10.34 -11.52
CA GLU A 288 -9.69 -10.21 -11.16
C GLU A 288 -10.40 -9.14 -11.98
N ALA A 289 -9.78 -7.96 -12.09
CA ALA A 289 -10.41 -6.90 -12.87
C ALA A 289 -10.51 -7.26 -14.35
N GLN A 290 -9.48 -7.92 -14.88
CA GLN A 290 -9.50 -8.29 -16.30
C GLN A 290 -10.56 -9.35 -16.57
N GLU A 291 -10.69 -10.31 -15.66
CA GLU A 291 -11.69 -11.36 -15.82
C GLU A 291 -13.07 -10.76 -15.70
N ARG A 292 -13.26 -9.91 -14.69
CA ARG A 292 -14.55 -9.29 -14.45
C ARG A 292 -15.06 -8.49 -15.66
N ALA A 293 -14.15 -7.79 -16.34
CA ALA A 293 -14.54 -6.99 -17.51
C ALA A 293 -15.00 -7.89 -18.64
N GLY A 294 -14.32 -9.02 -18.82
CA GLY A 294 -14.68 -9.94 -19.88
C GLY A 294 -16.03 -10.56 -19.63
N VAL A 295 -16.27 -10.97 -18.39
CA VAL A 295 -17.53 -11.58 -18.00
C VAL A 295 -18.65 -10.56 -18.07
N GLU A 296 -18.37 -9.33 -17.63
CA GLU A 296 -19.39 -8.27 -17.67
C GLU A 296 -19.89 -7.98 -19.08
N VAL A 297 -18.98 -7.81 -20.04
CA VAL A 297 -19.41 -7.54 -21.40
C VAL A 297 -20.03 -8.78 -22.06
N ALA A 298 -19.62 -9.97 -21.64
CA ALA A 298 -20.19 -11.18 -22.23
C ALA A 298 -21.68 -11.21 -21.85
N GLU A 299 -21.96 -10.88 -20.59
CA GLU A 299 -23.35 -10.86 -20.12
C GLU A 299 -24.16 -9.79 -20.85
N LYS A 300 -23.56 -8.61 -21.03
CA LYS A 300 -24.25 -7.54 -21.73
C LYS A 300 -24.55 -7.97 -23.16
N VAL A 301 -23.61 -8.68 -23.78
CA VAL A 301 -23.78 -9.15 -25.14
C VAL A 301 -24.95 -10.13 -25.18
N VAL A 302 -24.95 -11.06 -24.24
CA VAL A 302 -26.02 -12.05 -24.18
C VAL A 302 -27.39 -11.37 -24.01
N LYS A 303 -27.46 -10.37 -23.14
CA LYS A 303 -28.75 -9.73 -22.90
C LYS A 303 -29.29 -9.03 -24.15
N ILE A 304 -28.39 -8.33 -24.85
CA ILE A 304 -28.82 -7.67 -26.08
C ILE A 304 -29.30 -8.68 -27.14
N LEU A 305 -28.42 -9.65 -27.46
CA LEU A 305 -28.72 -10.61 -28.51
C LEU A 305 -29.92 -11.53 -28.19
N LYS A 306 -29.72 -12.44 -27.22
CA LYS A 306 -30.81 -13.37 -26.94
C LYS A 306 -32.03 -12.66 -26.39
N GLY A 307 -31.92 -11.64 -25.54
CA GLY A 307 -33.10 -10.89 -25.18
C GLY A 307 -33.51 -10.12 -26.43
N MET B 4 12.92 15.92 41.98
CA MET B 4 13.74 14.96 41.25
C MET B 4 14.11 15.48 39.85
N LYS B 5 15.23 14.94 39.32
CA LYS B 5 15.72 15.43 38.03
C LYS B 5 15.74 14.33 36.96
N VAL B 6 15.38 14.73 35.72
CA VAL B 6 15.34 13.76 34.62
C VAL B 6 16.24 14.19 33.47
N LEU B 7 17.11 13.24 33.05
CA LEU B 7 18.03 13.55 31.95
C LEU B 7 17.47 13.06 30.59
N VAL B 8 17.85 13.79 29.53
CA VAL B 8 17.39 13.41 28.20
C VAL B 8 18.55 13.28 27.20
N ALA B 9 18.91 12.06 26.80
CA ALA B 9 20.12 11.89 26.01
C ALA B 9 19.83 11.66 24.53
N ALA B 10 18.57 11.90 24.15
CA ALA B 10 18.21 11.78 22.73
C ALA B 10 17.17 12.82 22.33
N PRO B 11 17.05 13.02 21.00
CA PRO B 11 16.09 13.98 20.46
C PRO B 11 14.67 13.59 20.86
N LEU B 12 14.03 14.51 21.60
CA LEU B 12 12.66 14.27 21.99
C LEU B 12 11.74 15.44 21.59
N HIS B 13 10.47 15.36 22.02
CA HIS B 13 9.48 16.26 21.45
C HIS B 13 8.90 17.24 22.46
N GLU B 14 8.55 18.43 21.94
CA GLU B 14 8.01 19.50 22.77
C GLU B 14 6.98 18.99 23.78
N LYS B 15 5.98 18.26 23.27
CA LYS B 15 4.96 17.72 24.16
C LYS B 15 5.59 16.82 25.23
N ALA B 16 6.51 15.93 24.77
CA ALA B 16 7.15 15.01 25.68
C ALA B 16 7.92 15.76 26.79
N ILE B 17 8.86 16.63 26.36
CA ILE B 17 9.64 17.40 27.32
C ILE B 17 8.75 18.09 28.36
N GLN B 18 7.59 18.59 27.90
CA GLN B 18 6.72 19.36 28.77
C GLN B 18 5.97 18.51 29.82
N VAL B 19 5.56 17.28 29.41
CA VAL B 19 4.82 16.45 30.37
C VAL B 19 5.65 16.15 31.62
N LEU B 20 6.99 16.23 31.45
CA LEU B 20 7.87 16.00 32.58
C LEU B 20 7.86 17.21 33.54
N LYS B 21 7.88 18.42 32.93
CA LYS B 21 7.88 19.63 33.72
C LYS B 21 6.54 19.85 34.45
N ASP B 22 5.46 19.33 33.83
CA ASP B 22 4.15 19.46 34.44
C ASP B 22 4.06 18.67 35.75
N ALA B 23 4.79 17.53 35.78
CA ALA B 23 4.80 16.72 36.99
C ALA B 23 5.71 17.33 38.06
N GLY B 24 6.45 18.38 37.62
CA GLY B 24 7.35 19.08 38.51
C GLY B 24 8.75 18.46 38.55
N LEU B 25 9.25 18.07 37.36
CA LEU B 25 10.63 17.58 37.29
C LEU B 25 11.51 18.53 36.49
N GLU B 26 12.83 18.42 36.73
CA GLU B 26 13.76 19.23 35.95
C GLU B 26 14.31 18.44 34.76
N VAL B 27 14.59 19.17 33.67
CA VAL B 27 14.94 18.48 32.43
C VAL B 27 16.34 18.86 31.92
N ILE B 28 17.17 17.83 31.76
CA ILE B 28 18.48 18.02 31.15
C ILE B 28 18.55 17.37 29.77
N TYR B 29 18.82 18.19 28.74
CA TYR B 29 18.65 17.67 27.38
C TYR B 29 19.88 17.87 26.48
N GLU B 30 20.43 16.72 26.01
CA GLU B 30 21.49 16.80 24.98
C GLU B 30 21.40 15.66 23.95
N GLU B 31 21.31 16.06 22.66
CA GLU B 31 21.08 15.08 21.60
C GLU B 31 22.27 14.12 21.41
N TYR B 32 22.07 12.87 21.83
CA TYR B 32 23.08 11.84 21.62
C TYR B 32 24.43 12.24 22.21
N PRO B 33 24.53 12.05 23.53
CA PRO B 33 25.76 12.34 24.27
C PRO B 33 26.78 11.20 24.15
N ASP B 34 27.66 11.11 25.16
CA ASP B 34 28.72 10.09 25.13
C ASP B 34 29.07 9.57 26.53
N GLU B 35 29.49 8.30 26.56
CA GLU B 35 29.80 7.61 27.82
C GLU B 35 30.48 8.52 28.85
N ASP B 36 31.35 9.41 28.36
CA ASP B 36 32.04 10.30 29.30
C ASP B 36 31.09 11.33 29.89
N ARG B 37 30.78 12.34 29.06
CA ARG B 37 29.84 13.35 29.49
C ARG B 37 28.56 12.71 30.03
N LEU B 38 28.28 11.50 29.52
CA LEU B 38 27.11 10.78 29.99
C LEU B 38 27.23 10.40 31.46
N VAL B 39 28.48 10.15 31.89
CA VAL B 39 28.71 9.75 33.27
C VAL B 39 28.41 10.88 34.25
N GLU B 40 28.85 12.10 33.88
CA GLU B 40 28.67 13.24 34.77
C GLU B 40 27.22 13.73 34.76
N LEU B 41 26.56 13.59 33.59
CA LEU B 41 25.19 14.06 33.45
C LEU B 41 24.20 13.21 34.25
N VAL B 42 24.40 11.88 34.16
CA VAL B 42 23.50 10.96 34.86
C VAL B 42 23.80 10.91 36.36
N LYS B 43 24.87 11.62 36.77
CA LYS B 43 25.29 11.54 38.17
C LYS B 43 24.23 12.12 39.11
N ASP B 44 23.62 13.24 38.68
CA ASP B 44 22.63 13.88 39.54
C ASP B 44 21.20 13.45 39.20
N VAL B 45 21.03 12.97 37.96
CA VAL B 45 19.69 12.64 37.48
C VAL B 45 19.13 11.36 38.13
N GLU B 46 17.80 11.35 38.32
CA GLU B 46 17.17 10.16 38.87
C GLU B 46 16.52 9.32 37.77
N ALA B 47 16.58 9.86 36.55
CA ALA B 47 15.98 9.16 35.41
C ALA B 47 16.67 9.54 34.10
N ILE B 48 16.72 8.55 33.18
CA ILE B 48 17.29 8.82 31.87
C ILE B 48 16.38 8.30 30.75
N ILE B 49 16.40 9.05 29.61
CA ILE B 49 15.54 8.67 28.51
C ILE B 49 16.32 8.64 27.19
N VAL B 50 15.97 7.66 26.33
CA VAL B 50 16.74 7.48 25.11
C VAL B 50 15.96 6.74 24.02
N ARG B 51 16.61 6.64 22.85
CA ARG B 51 16.08 5.83 21.76
C ARG B 51 17.03 4.68 21.45
N SER B 52 17.26 4.45 20.14
CA SER B 52 18.32 3.50 19.81
C SER B 52 19.66 3.93 20.40
N LYS B 53 19.68 5.22 20.80
CA LYS B 53 20.85 5.77 21.50
C LYS B 53 20.44 6.91 22.44
N PRO B 54 21.41 7.31 23.29
CA PRO B 54 22.75 6.72 23.28
C PRO B 54 22.76 5.34 23.93
N LYS B 55 23.98 4.80 24.09
CA LYS B 55 24.13 3.48 24.67
C LYS B 55 24.30 3.54 26.19
N VAL B 56 23.44 2.77 26.90
CA VAL B 56 23.51 2.75 28.35
C VAL B 56 24.30 1.54 28.85
N THR B 57 25.62 1.76 29.01
CA THR B 57 26.48 0.67 29.46
C THR B 57 26.44 0.48 30.98
N ARG B 58 27.12 -0.58 31.43
CA ARG B 58 27.18 -0.84 32.87
C ARG B 58 27.98 0.24 33.59
N ARG B 59 29.02 0.72 32.90
CA ARG B 59 29.85 1.79 33.46
C ARG B 59 28.99 3.01 33.81
N VAL B 60 27.97 3.26 32.97
CA VAL B 60 27.09 4.39 33.21
C VAL B 60 26.15 4.13 34.38
N ILE B 61 25.46 2.98 34.31
CA ILE B 61 24.53 2.63 35.37
C ILE B 61 25.14 2.82 36.75
N GLU B 62 26.48 2.71 36.81
CA GLU B 62 27.17 2.79 38.09
C GLU B 62 27.40 4.24 38.53
N SER B 63 27.46 5.14 37.53
CA SER B 63 27.76 6.54 37.84
C SER B 63 26.57 7.25 38.47
N ALA B 64 25.38 6.73 38.07
CA ALA B 64 24.15 7.29 38.58
C ALA B 64 23.63 6.54 39.81
N PRO B 65 23.96 7.09 41.00
CA PRO B 65 23.52 6.51 42.26
C PRO B 65 22.07 6.84 42.56
N LYS B 66 21.58 7.94 41.95
CA LYS B 66 20.20 8.36 42.21
C LYS B 66 19.24 7.81 41.15
N LEU B 67 19.82 7.25 40.08
CA LEU B 67 19.00 6.79 38.97
C LEU B 67 17.94 5.77 39.42
N LYS B 68 16.67 6.13 39.17
CA LYS B 68 15.56 5.28 39.61
C LYS B 68 14.98 4.45 38.46
N VAL B 69 15.05 5.02 37.23
CA VAL B 69 14.38 4.35 36.11
C VAL B 69 15.04 4.68 34.77
N ILE B 70 15.14 3.68 33.89
CA ILE B 70 15.73 3.86 32.57
C ILE B 70 14.59 3.67 31.56
N ALA B 71 14.36 4.67 30.73
CA ALA B 71 13.29 4.59 29.75
C ALA B 71 13.75 4.65 28.30
N ARG B 72 13.21 3.75 27.50
CA ARG B 72 13.51 3.74 26.08
C ARG B 72 12.29 4.20 25.29
N ALA B 73 12.47 5.32 24.58
CA ALA B 73 11.37 5.85 23.79
C ALA B 73 11.16 5.03 22.51
N GLY B 74 10.63 3.80 22.71
CA GLY B 74 10.39 2.92 21.57
C GLY B 74 10.30 1.45 22.01
N VAL B 75 10.80 0.56 21.13
CA VAL B 75 10.81 -0.86 21.47
C VAL B 75 12.24 -1.42 21.42
N GLY B 76 12.49 -2.45 22.26
CA GLY B 76 13.80 -3.11 22.24
C GLY B 76 14.84 -2.33 23.06
N LEU B 77 15.58 -3.08 23.89
CA LEU B 77 16.54 -2.44 24.79
C LEU B 77 17.99 -2.90 24.53
N ASP B 78 18.26 -3.27 23.27
CA ASP B 78 19.59 -3.81 22.96
C ASP B 78 20.73 -2.84 23.28
N ASN B 79 20.41 -1.55 23.35
CA ASN B 79 21.44 -0.54 23.66
C ASN B 79 21.43 -0.18 25.13
N ILE B 80 20.87 -1.06 25.96
CA ILE B 80 20.80 -0.83 27.40
C ILE B 80 21.15 -2.09 28.18
N ASP B 81 22.17 -1.99 29.03
CA ASP B 81 22.58 -3.13 29.83
C ASP B 81 21.52 -3.36 30.91
N VAL B 82 20.41 -3.95 30.49
CA VAL B 82 19.28 -4.22 31.38
C VAL B 82 19.65 -5.05 32.60
N GLU B 83 20.72 -5.83 32.52
CA GLU B 83 21.11 -6.66 33.64
C GLU B 83 21.84 -5.81 34.68
N ALA B 84 22.81 -5.02 34.23
CA ALA B 84 23.56 -4.16 35.14
C ALA B 84 22.55 -3.32 35.92
N ALA B 85 21.49 -2.91 35.24
CA ALA B 85 20.43 -2.11 35.86
C ALA B 85 19.64 -2.98 36.83
N LYS B 86 19.35 -4.21 36.42
CA LYS B 86 18.60 -5.14 37.26
C LYS B 86 19.35 -5.42 38.57
N GLU B 87 20.69 -5.33 38.49
CA GLU B 87 21.50 -5.54 39.68
C GLU B 87 21.31 -4.41 40.68
N LYS B 88 21.34 -3.18 40.14
CA LYS B 88 21.20 -2.01 40.99
C LYS B 88 19.73 -1.73 41.34
N GLY B 89 18.83 -2.52 40.75
CA GLY B 89 17.42 -2.34 41.03
C GLY B 89 16.78 -1.23 40.22
N ILE B 90 17.43 -0.84 39.13
CA ILE B 90 16.92 0.21 38.26
C ILE B 90 15.91 -0.32 37.26
N GLU B 91 14.67 0.15 37.37
CA GLU B 91 13.59 -0.27 36.48
C GLU B 91 13.77 0.27 35.07
N VAL B 92 13.58 -0.58 34.08
CA VAL B 92 13.72 -0.18 32.69
C VAL B 92 12.38 -0.32 31.97
N VAL B 93 12.04 0.67 31.15
CA VAL B 93 10.77 0.65 30.43
C VAL B 93 10.84 1.18 28.99
N ASN B 94 9.81 0.89 28.21
CA ASN B 94 9.71 1.35 26.83
C ASN B 94 8.24 1.52 26.45
N ALA B 95 7.99 1.90 25.20
CA ALA B 95 6.62 2.14 24.75
C ALA B 95 6.19 1.31 23.55
N PRO B 96 5.87 0.03 23.76
CA PRO B 96 5.44 -0.87 22.68
C PRO B 96 4.21 -0.35 21.94
N ALA B 97 3.14 -0.10 22.70
CA ALA B 97 1.88 0.37 22.15
C ALA B 97 2.01 1.58 21.21
N ALA B 98 3.02 2.40 21.45
CA ALA B 98 3.25 3.61 20.66
C ALA B 98 3.45 3.37 19.17
N SER B 99 4.07 2.25 18.82
CA SER B 99 4.34 1.96 17.40
C SER B 99 3.44 0.93 16.74
N SER B 100 2.56 0.32 17.53
CA SER B 100 1.66 -0.72 17.02
C SER B 100 0.97 -0.39 15.69
N ARG B 101 0.30 0.75 15.61
CA ARG B 101 -0.39 1.13 14.39
C ARG B 101 0.55 1.31 13.21
N SER B 102 1.69 1.93 13.45
CA SER B 102 2.65 2.17 12.38
C SER B 102 3.20 0.87 11.80
N VAL B 103 3.43 -0.13 12.65
CA VAL B 103 3.92 -1.39 12.16
C VAL B 103 2.82 -2.06 11.33
N ALA B 104 1.59 -2.00 11.84
CA ALA B 104 0.45 -2.59 11.16
C ALA B 104 0.28 -1.96 9.77
N GLU B 105 0.37 -0.63 9.70
CA GLU B 105 0.24 0.07 8.44
C GLU B 105 1.36 -0.30 7.47
N LEU B 106 2.57 -0.58 7.97
CA LEU B 106 3.65 -0.97 7.07
C LEU B 106 3.34 -2.36 6.50
N ALA B 107 2.88 -3.28 7.35
CA ALA B 107 2.55 -4.62 6.89
C ALA B 107 1.52 -4.54 5.75
N VAL B 108 0.53 -3.67 5.93
CA VAL B 108 -0.50 -3.50 4.91
C VAL B 108 0.11 -2.86 3.66
N GLY B 109 0.93 -1.83 3.86
CA GLY B 109 1.57 -1.18 2.73
C GLY B 109 2.44 -2.16 1.98
N LEU B 110 3.08 -3.06 2.71
CA LEU B 110 3.93 -4.08 2.09
C LEU B 110 3.07 -5.07 1.30
N MET B 111 1.92 -5.42 1.88
CA MET B 111 1.00 -6.35 1.22
C MET B 111 0.61 -5.74 -0.13
N PHE B 112 0.28 -4.46 -0.13
CA PHE B 112 -0.10 -3.78 -1.37
C PHE B 112 1.03 -3.74 -2.39
N SER B 113 2.22 -3.37 -1.94
CA SER B 113 3.36 -3.28 -2.86
C SER B 113 3.73 -4.64 -3.48
N VAL B 114 3.58 -5.72 -2.73
CA VAL B 114 3.89 -7.03 -3.27
C VAL B 114 2.76 -7.47 -4.20
N ALA B 115 1.53 -7.38 -3.70
CA ALA B 115 0.35 -7.76 -4.48
C ALA B 115 0.24 -7.06 -5.81
N ARG B 116 0.60 -5.78 -5.85
CA ARG B 116 0.50 -5.04 -7.10
C ARG B 116 1.84 -4.72 -7.75
N LYS B 117 2.91 -5.34 -7.26
CA LYS B 117 4.24 -5.15 -7.84
C LYS B 117 4.62 -3.68 -7.97
N ILE B 118 4.31 -2.90 -6.95
CA ILE B 118 4.56 -1.46 -6.98
C ILE B 118 6.04 -1.08 -6.96
N ALA B 119 6.79 -1.64 -6.01
CA ALA B 119 8.22 -1.35 -5.93
C ALA B 119 8.89 -1.82 -7.21
N PHE B 120 8.53 -3.02 -7.64
CA PHE B 120 9.07 -3.59 -8.88
C PHE B 120 8.85 -2.64 -10.07
N ALA B 121 7.59 -2.26 -10.29
CA ALA B 121 7.21 -1.38 -11.39
C ALA B 121 7.96 -0.04 -11.35
N ASP B 122 8.08 0.53 -10.14
CA ASP B 122 8.76 1.81 -9.97
C ASP B 122 10.25 1.68 -10.32
N ARG B 123 10.87 0.62 -9.79
CA ARG B 123 12.27 0.33 -10.03
C ARG B 123 12.53 0.26 -11.53
N LYS B 124 11.72 -0.51 -12.24
CA LYS B 124 11.86 -0.64 -13.67
C LYS B 124 11.69 0.69 -14.39
N MET B 125 10.71 1.48 -13.95
CA MET B 125 10.44 2.78 -14.56
C MET B 125 11.70 3.66 -14.56
N ARG B 126 12.43 3.61 -13.44
CA ARG B 126 13.64 4.41 -13.28
C ARG B 126 14.78 3.87 -14.15
N GLU B 127 14.66 2.58 -14.52
CA GLU B 127 15.64 2.04 -15.46
C GLU B 127 15.20 2.23 -16.91
N GLY B 128 14.16 3.07 -17.10
CA GLY B 128 13.66 3.32 -18.45
C GLY B 128 12.89 2.12 -19.00
N VAL B 129 12.25 1.38 -18.07
CA VAL B 129 11.48 0.21 -18.51
C VAL B 129 10.00 0.35 -18.16
N TRP B 130 9.15 0.25 -19.20
CA TRP B 130 7.71 0.23 -19.02
C TRP B 130 7.21 -1.19 -18.83
N ALA B 131 7.19 -1.67 -17.58
CA ALA B 131 6.81 -3.06 -17.34
C ALA B 131 5.33 -3.20 -16.99
N LYS B 132 4.48 -2.66 -17.89
CA LYS B 132 3.05 -2.85 -17.71
C LYS B 132 2.67 -4.33 -17.82
N LYS B 133 3.21 -4.95 -18.89
CA LYS B 133 2.88 -6.34 -19.15
C LYS B 133 3.55 -7.32 -18.16
N GLU B 134 4.53 -6.86 -17.38
CA GLU B 134 5.11 -7.70 -16.34
C GLU B 134 4.58 -7.37 -14.94
N ALA B 135 3.65 -6.43 -14.86
CA ALA B 135 3.14 -6.02 -13.55
C ALA B 135 1.68 -6.35 -13.27
N MET B 136 1.18 -7.44 -13.86
CA MET B 136 -0.20 -7.85 -13.61
C MET B 136 -0.18 -8.27 -12.14
N GLY B 137 -1.09 -7.72 -11.34
CA GLY B 137 -1.13 -8.05 -9.93
C GLY B 137 -2.43 -8.68 -9.51
N ILE B 138 -2.73 -8.62 -8.21
CA ILE B 138 -3.95 -9.22 -7.72
C ILE B 138 -4.77 -8.23 -6.91
N GLU B 139 -6.07 -8.42 -6.93
CA GLU B 139 -7.00 -7.58 -6.20
C GLU B 139 -7.13 -8.22 -4.81
N LEU B 140 -7.18 -7.38 -3.78
CA LEU B 140 -7.23 -7.86 -2.40
C LEU B 140 -8.61 -8.05 -1.81
N GLU B 141 -9.59 -7.25 -2.24
CA GLU B 141 -10.93 -7.41 -1.70
C GLU B 141 -11.40 -8.86 -1.86
N GLY B 142 -11.97 -9.40 -0.79
CA GLY B 142 -12.47 -10.76 -0.84
C GLY B 142 -11.44 -11.86 -0.61
N LYS B 143 -10.16 -11.50 -0.57
CA LYS B 143 -9.11 -12.49 -0.34
C LYS B 143 -9.03 -12.80 1.14
N THR B 144 -8.32 -13.88 1.48
CA THR B 144 -8.17 -14.28 2.88
C THR B 144 -6.80 -13.92 3.44
N ILE B 145 -6.80 -13.20 4.56
CA ILE B 145 -5.55 -12.85 5.20
C ILE B 145 -5.41 -13.68 6.47
N GLY B 146 -4.25 -14.30 6.65
CA GLY B 146 -4.01 -15.13 7.82
C GLY B 146 -3.09 -14.39 8.77
N ILE B 147 -3.59 -14.07 9.96
CA ILE B 147 -2.79 -13.33 10.92
C ILE B 147 -2.23 -14.27 11.97
N ILE B 148 -0.91 -14.43 11.96
CA ILE B 148 -0.22 -15.29 12.92
C ILE B 148 0.30 -14.39 14.03
N GLY B 149 -0.41 -14.40 15.15
CA GLY B 149 -0.02 -13.57 16.27
C GLY B 149 -1.07 -12.46 16.36
N PHE B 150 -2.12 -12.73 17.12
CA PHE B 150 -3.21 -11.78 17.26
C PHE B 150 -3.04 -10.93 18.51
N GLY B 151 -2.00 -10.09 18.50
CA GLY B 151 -1.72 -9.21 19.63
C GLY B 151 -1.99 -7.76 19.28
N ARG B 152 -1.15 -6.86 19.79
CA ARG B 152 -1.28 -5.42 19.55
C ARG B 152 -1.26 -5.07 18.06
N ILE B 153 -0.22 -5.52 17.37
CA ILE B 153 -0.08 -5.23 15.95
C ILE B 153 -1.01 -6.11 15.12
N GLY B 154 -1.11 -7.39 15.49
CA GLY B 154 -1.98 -8.28 14.76
C GLY B 154 -3.41 -7.76 14.75
N TYR B 155 -3.83 -7.16 15.88
CA TYR B 155 -5.18 -6.62 15.99
C TYR B 155 -5.39 -5.48 15.00
N GLN B 156 -4.45 -4.54 14.94
CA GLN B 156 -4.56 -3.42 14.03
C GLN B 156 -4.62 -3.89 12.57
N VAL B 157 -3.79 -4.88 12.22
CA VAL B 157 -3.81 -5.39 10.86
C VAL B 157 -5.19 -5.95 10.55
N ALA B 158 -5.76 -6.70 11.49
CA ALA B 158 -7.08 -7.29 11.28
C ALA B 158 -8.12 -6.20 11.13
N LYS B 159 -8.01 -5.14 11.93
CA LYS B 159 -8.96 -4.04 11.86
C LYS B 159 -8.92 -3.44 10.45
N ILE B 160 -7.71 -3.19 9.95
CA ILE B 160 -7.56 -2.65 8.61
C ILE B 160 -8.09 -3.62 7.56
N ALA B 161 -7.63 -4.87 7.64
CA ALA B 161 -8.03 -5.90 6.68
C ALA B 161 -9.55 -6.13 6.60
N ASN B 162 -10.20 -6.23 7.75
CA ASN B 162 -11.65 -6.47 7.80
C ASN B 162 -12.40 -5.41 7.00
N ALA B 163 -11.96 -4.17 7.13
CA ALA B 163 -12.60 -3.07 6.44
C ALA B 163 -12.25 -3.04 4.97
N LEU B 164 -11.11 -3.65 4.60
CA LEU B 164 -10.68 -3.71 3.21
C LEU B 164 -11.46 -4.82 2.52
N GLY B 165 -12.36 -5.45 3.25
CA GLY B 165 -13.18 -6.51 2.70
C GLY B 165 -12.47 -7.84 2.56
N MET B 166 -11.46 -8.08 3.39
CA MET B 166 -10.74 -9.33 3.35
C MET B 166 -11.28 -10.27 4.42
N ASN B 167 -11.22 -11.56 4.14
CA ASN B 167 -11.68 -12.60 5.07
C ASN B 167 -10.52 -12.80 6.06
N ILE B 168 -10.81 -12.77 7.35
CA ILE B 168 -9.77 -12.88 8.35
C ILE B 168 -9.69 -14.20 9.14
N LEU B 169 -8.52 -14.83 9.07
CA LEU B 169 -8.09 -15.98 9.85
C LEU B 169 -7.02 -15.60 10.88
N LEU B 170 -7.18 -16.15 12.10
CA LEU B 170 -6.21 -15.84 13.15
C LEU B 170 -5.71 -17.10 13.86
N TYR B 171 -4.41 -17.09 14.17
CA TYR B 171 -3.87 -18.23 14.90
C TYR B 171 -3.00 -17.78 16.08
N ASP B 172 -3.57 -18.01 17.28
CA ASP B 172 -2.88 -17.58 18.49
C ASP B 172 -3.08 -18.57 19.63
N PRO B 173 -1.94 -19.10 20.14
CA PRO B 173 -1.95 -20.03 21.25
C PRO B 173 -2.79 -19.50 22.42
N TYR B 174 -2.96 -18.16 22.42
CA TYR B 174 -3.74 -17.55 23.48
C TYR B 174 -4.86 -16.66 22.91
N PRO B 175 -5.89 -17.35 22.36
CA PRO B 175 -6.96 -16.69 21.60
C PRO B 175 -7.87 -15.83 22.48
N ASN B 176 -8.18 -14.64 21.99
CA ASN B 176 -9.08 -13.72 22.67
C ASN B 176 -10.31 -13.62 21.77
N GLU B 177 -11.32 -14.45 22.07
CA GLU B 177 -12.53 -14.49 21.28
C GLU B 177 -13.25 -13.16 21.14
N GLU B 178 -13.24 -12.37 22.20
CA GLU B 178 -13.93 -11.09 22.16
C GLU B 178 -13.25 -10.16 21.16
N ARG B 179 -11.93 -10.07 21.21
CA ARG B 179 -11.23 -9.20 20.28
C ARG B 179 -11.41 -9.69 18.85
N ALA B 180 -11.50 -11.01 18.68
CA ALA B 180 -11.70 -11.58 17.36
C ALA B 180 -13.04 -11.12 16.80
N LYS B 181 -14.06 -11.14 17.65
CA LYS B 181 -15.39 -10.73 17.24
C LYS B 181 -15.37 -9.26 16.77
N GLU B 182 -14.54 -8.45 17.40
CA GLU B 182 -14.43 -7.03 17.07
C GLU B 182 -14.01 -6.79 15.61
N VAL B 183 -13.18 -7.70 15.07
CA VAL B 183 -12.76 -7.55 13.69
C VAL B 183 -13.26 -8.71 12.81
N ASN B 184 -14.29 -9.39 13.32
CA ASN B 184 -14.81 -10.57 12.63
C ASN B 184 -13.70 -11.51 12.13
N GLY B 185 -12.80 -11.86 13.03
CA GLY B 185 -11.73 -12.79 12.69
C GLY B 185 -12.10 -14.17 13.22
N LYS B 186 -11.64 -15.22 12.52
CA LYS B 186 -11.94 -16.59 12.93
C LYS B 186 -10.64 -17.33 13.32
N PHE B 187 -10.61 -17.86 14.54
CA PHE B 187 -9.44 -18.60 15.01
C PHE B 187 -9.44 -20.01 14.40
N VAL B 188 -8.28 -20.46 13.95
CA VAL B 188 -8.12 -21.78 13.34
C VAL B 188 -6.72 -22.27 13.68
N ASP B 189 -6.46 -23.56 13.47
CA ASP B 189 -5.12 -24.05 13.75
C ASP B 189 -4.16 -23.47 12.72
N LEU B 190 -2.87 -23.56 13.01
CA LEU B 190 -1.85 -23.00 12.12
C LEU B 190 -1.85 -23.62 10.72
N GLU B 191 -2.04 -24.94 10.64
CA GLU B 191 -2.03 -25.61 9.34
C GLU B 191 -3.16 -25.09 8.46
N THR B 192 -4.34 -24.94 9.05
CA THR B 192 -5.49 -24.44 8.31
C THR B 192 -5.24 -23.01 7.81
N LEU B 193 -4.71 -22.16 8.67
CA LEU B 193 -4.44 -20.77 8.27
C LEU B 193 -3.51 -20.74 7.06
N LEU B 194 -2.42 -21.49 7.13
CA LEU B 194 -1.45 -21.51 6.05
C LEU B 194 -2.01 -22.04 4.74
N LYS B 195 -2.87 -23.05 4.82
CA LYS B 195 -3.47 -23.64 3.62
C LYS B 195 -4.58 -22.80 2.99
N GLU B 196 -5.29 -22.03 3.79
CA GLU B 196 -6.42 -21.24 3.28
C GLU B 196 -6.19 -19.74 3.05
N SER B 197 -5.07 -19.21 3.51
CA SER B 197 -4.79 -17.79 3.35
C SER B 197 -4.17 -17.41 2.00
N ASP B 198 -4.47 -16.19 1.56
CA ASP B 198 -3.91 -15.66 0.32
C ASP B 198 -2.76 -14.76 0.73
N VAL B 199 -2.84 -14.26 1.95
CA VAL B 199 -1.79 -13.41 2.50
C VAL B 199 -1.58 -13.91 3.92
N VAL B 200 -0.33 -14.19 4.27
CA VAL B 200 0.02 -14.65 5.59
C VAL B 200 0.93 -13.59 6.20
N THR B 201 0.50 -12.95 7.29
CA THR B 201 1.32 -11.91 7.90
C THR B 201 1.66 -12.31 9.35
N ILE B 202 2.96 -12.20 9.69
CA ILE B 202 3.47 -12.59 11.01
C ILE B 202 3.61 -11.44 12.00
N HIS B 203 3.04 -11.63 13.19
CA HIS B 203 3.07 -10.61 14.24
C HIS B 203 3.24 -11.23 15.63
N VAL B 204 4.25 -12.09 15.76
CA VAL B 204 4.50 -12.74 17.04
C VAL B 204 5.84 -12.29 17.57
N PRO B 205 6.09 -12.47 18.88
CA PRO B 205 7.39 -12.04 19.36
C PRO B 205 8.36 -13.18 19.10
N LEU B 206 9.66 -12.91 19.25
CA LEU B 206 10.66 -13.96 19.06
C LEU B 206 10.82 -14.67 20.40
N VAL B 207 10.30 -15.89 20.48
CA VAL B 207 10.40 -16.70 21.68
C VAL B 207 10.85 -18.07 21.20
N GLU B 208 11.07 -19.00 22.14
CA GLU B 208 11.53 -20.33 21.77
C GLU B 208 10.61 -20.99 20.75
N SER B 209 9.31 -20.90 20.97
CA SER B 209 8.33 -21.52 20.09
C SER B 209 8.14 -20.86 18.72
N THR B 210 8.64 -19.63 18.55
CA THR B 210 8.50 -18.95 17.26
C THR B 210 9.77 -18.89 16.40
N TYR B 211 10.88 -19.41 16.93
CA TYR B 211 12.10 -19.43 16.12
C TYR B 211 11.94 -20.29 14.87
N HIS B 212 12.15 -19.64 13.71
CA HIS B 212 11.99 -20.37 12.46
C HIS B 212 10.61 -21.03 12.38
N LEU B 213 9.60 -20.33 12.93
CA LEU B 213 8.23 -20.86 12.85
C LEU B 213 7.82 -21.09 11.40
N ILE B 214 8.20 -20.14 10.55
CA ILE B 214 7.91 -20.28 9.13
C ILE B 214 9.10 -21.00 8.52
N ASN B 215 8.99 -22.33 8.49
CA ASN B 215 10.04 -23.19 7.97
C ASN B 215 9.63 -23.81 6.65
N GLU B 216 10.50 -24.65 6.10
CA GLU B 216 10.24 -25.29 4.81
C GLU B 216 8.89 -25.99 4.75
N GLU B 217 8.59 -26.79 5.78
CA GLU B 217 7.35 -27.52 5.81
C GLU B 217 6.12 -26.60 5.73
N ARG B 218 6.08 -25.59 6.59
CA ARG B 218 4.95 -24.67 6.59
C ARG B 218 4.83 -23.86 5.29
N LEU B 219 5.97 -23.52 4.70
CA LEU B 219 5.95 -22.77 3.44
C LEU B 219 5.34 -23.63 2.32
N LYS B 220 5.56 -24.93 2.39
CA LYS B 220 5.02 -25.84 1.39
C LYS B 220 3.50 -25.93 1.52
N LEU B 221 3.01 -25.71 2.73
CA LEU B 221 1.58 -25.76 3.01
C LEU B 221 0.84 -24.56 2.41
N MET B 222 1.52 -23.42 2.33
CA MET B 222 0.89 -22.22 1.78
C MET B 222 0.54 -22.37 0.31
N LYS B 223 -0.35 -21.50 -0.17
CA LYS B 223 -0.76 -21.54 -1.58
C LYS B 223 0.38 -21.03 -2.44
N LYS B 224 0.48 -21.57 -3.65
CA LYS B 224 1.52 -21.16 -4.59
C LYS B 224 1.33 -19.69 -4.98
N THR B 225 0.09 -19.21 -4.84
CA THR B 225 -0.24 -17.83 -5.18
C THR B 225 -0.23 -16.91 -3.95
N ALA B 226 0.13 -17.45 -2.80
CA ALA B 226 0.13 -16.66 -1.58
C ALA B 226 1.33 -15.75 -1.38
N ILE B 227 1.12 -14.73 -0.54
CA ILE B 227 2.15 -13.75 -0.21
C ILE B 227 2.45 -13.84 1.29
N LEU B 228 3.72 -13.73 1.66
CA LEU B 228 4.13 -13.77 3.06
C LEU B 228 4.62 -12.39 3.49
N ILE B 229 4.15 -11.91 4.62
CA ILE B 229 4.60 -10.65 5.21
C ILE B 229 5.18 -10.87 6.62
N ASN B 230 6.35 -10.25 6.85
CA ASN B 230 6.99 -10.40 8.15
C ASN B 230 7.52 -9.07 8.68
N THR B 231 6.76 -8.50 9.64
CA THR B 231 7.20 -7.25 10.25
C THR B 231 7.48 -7.44 11.74
N SER B 232 7.60 -8.71 12.14
CA SER B 232 7.87 -9.00 13.54
C SER B 232 9.38 -9.09 13.82
N ARG B 233 10.02 -10.22 13.58
CA ARG B 233 11.45 -10.34 13.76
C ARG B 233 12.00 -11.37 12.78
N GLY B 234 13.16 -11.04 12.21
CA GLY B 234 13.79 -11.91 11.22
C GLY B 234 13.81 -13.39 11.56
N PRO B 235 14.28 -13.75 12.76
CA PRO B 235 14.37 -15.15 13.21
C PRO B 235 13.08 -15.96 13.17
N VAL B 236 11.93 -15.28 13.14
CA VAL B 236 10.66 -15.99 13.09
C VAL B 236 10.53 -16.76 11.78
N VAL B 237 11.24 -16.30 10.76
CA VAL B 237 11.22 -16.92 9.45
C VAL B 237 12.58 -17.51 9.07
N ASP B 238 12.56 -18.74 8.57
CA ASP B 238 13.79 -19.41 8.13
C ASP B 238 14.16 -18.78 6.78
N THR B 239 15.10 -17.85 6.79
CA THR B 239 15.48 -17.17 5.55
C THR B 239 15.84 -18.11 4.41
N ASN B 240 16.65 -19.12 4.69
CA ASN B 240 17.04 -20.08 3.66
C ASN B 240 15.85 -20.83 3.10
N ALA B 241 14.89 -21.16 3.96
CA ALA B 241 13.69 -21.87 3.51
C ALA B 241 12.82 -20.96 2.65
N LEU B 242 12.81 -19.67 2.96
CA LEU B 242 12.03 -18.70 2.20
C LEU B 242 12.64 -18.46 0.81
N VAL B 243 13.97 -18.35 0.77
CA VAL B 243 14.65 -18.13 -0.50
C VAL B 243 14.34 -19.31 -1.43
N LYS B 244 14.36 -20.51 -0.86
CA LYS B 244 14.08 -21.72 -1.64
C LYS B 244 12.62 -21.73 -2.12
N ALA B 245 11.71 -21.29 -1.25
CA ALA B 245 10.29 -21.24 -1.58
C ALA B 245 10.04 -20.27 -2.71
N LEU B 246 10.75 -19.14 -2.68
CA LEU B 246 10.61 -18.13 -3.72
C LEU B 246 11.21 -18.64 -5.03
N LYS B 247 12.40 -19.21 -4.93
CA LYS B 247 13.10 -19.74 -6.11
C LYS B 247 12.30 -20.86 -6.78
N GLU B 248 11.70 -21.72 -5.98
CA GLU B 248 10.92 -22.85 -6.48
C GLU B 248 9.49 -22.47 -6.86
N GLY B 249 9.04 -21.32 -6.38
CA GLY B 249 7.69 -20.88 -6.66
C GLY B 249 6.64 -21.54 -5.78
N TRP B 250 7.00 -21.82 -4.53
CA TRP B 250 6.07 -22.44 -3.57
C TRP B 250 5.05 -21.39 -3.10
N ILE B 251 5.45 -20.12 -3.19
CA ILE B 251 4.59 -18.99 -2.84
C ILE B 251 4.88 -17.93 -3.90
N ALA B 252 4.00 -16.94 -4.04
CA ALA B 252 4.15 -15.90 -5.06
C ALA B 252 5.06 -14.71 -4.75
N GLY B 253 5.33 -14.45 -3.48
CA GLY B 253 6.20 -13.32 -3.16
C GLY B 253 6.22 -13.01 -1.67
N ALA B 254 6.97 -11.99 -1.28
CA ALA B 254 7.05 -11.63 0.13
C ALA B 254 7.47 -10.20 0.40
N GLY B 255 6.92 -9.67 1.50
CA GLY B 255 7.22 -8.32 1.95
C GLY B 255 7.89 -8.49 3.28
N LEU B 256 9.12 -8.00 3.40
CA LEU B 256 9.89 -8.15 4.63
C LEU B 256 10.50 -6.85 5.14
N ASP B 257 10.32 -6.59 6.43
CA ASP B 257 10.85 -5.40 7.07
C ASP B 257 11.92 -5.78 8.09
N VAL B 258 12.02 -7.07 8.38
CA VAL B 258 12.99 -7.56 9.35
C VAL B 258 13.72 -8.78 8.80
N PHE B 259 14.97 -8.95 9.18
CA PHE B 259 15.78 -10.06 8.68
C PHE B 259 16.69 -10.65 9.76
N GLU B 260 17.23 -11.83 9.49
CA GLU B 260 18.14 -12.47 10.43
C GLU B 260 19.51 -11.80 10.37
N GLU B 261 19.71 -10.97 9.35
CA GLU B 261 20.96 -10.23 9.18
C GLU B 261 20.62 -8.77 8.93
N GLU B 262 20.89 -7.91 9.91
CA GLU B 262 20.59 -6.48 9.79
C GLU B 262 21.76 -5.59 10.16
N PRO B 263 22.22 -4.75 9.21
CA PRO B 263 21.71 -4.61 7.86
C PRO B 263 21.86 -5.91 7.06
N LEU B 264 21.11 -5.99 5.93
CA LEU B 264 21.31 -7.10 5.02
C LEU B 264 22.72 -7.05 4.41
N PRO B 265 23.27 -8.24 4.13
CA PRO B 265 24.55 -8.35 3.41
C PRO B 265 24.48 -7.77 2.00
N LYS B 266 25.66 -7.72 1.34
CA LYS B 266 25.78 -7.03 0.06
C LYS B 266 24.97 -7.70 -1.07
N ASP B 267 25.25 -8.95 -1.38
CA ASP B 267 24.52 -9.65 -2.43
C ASP B 267 23.60 -10.73 -1.88
N HIS B 268 22.88 -10.42 -0.81
CA HIS B 268 21.98 -11.40 -0.22
C HIS B 268 20.97 -11.89 -1.27
N PRO B 269 20.73 -13.20 -1.32
CA PRO B 269 19.79 -13.81 -2.27
C PRO B 269 18.40 -13.16 -2.30
N LEU B 270 17.94 -12.61 -1.19
CA LEU B 270 16.62 -11.99 -1.16
C LEU B 270 16.56 -10.75 -2.05
N THR B 271 17.68 -10.06 -2.19
CA THR B 271 17.73 -8.86 -3.02
C THR B 271 17.69 -9.14 -4.52
N LYS B 272 17.56 -10.41 -4.90
CA LYS B 272 17.56 -10.79 -6.30
C LYS B 272 16.20 -11.14 -6.91
N PHE B 273 15.19 -11.27 -6.05
CA PHE B 273 13.83 -11.60 -6.49
C PHE B 273 13.02 -10.34 -6.83
N ASP B 274 12.30 -10.38 -7.94
CA ASP B 274 11.50 -9.23 -8.31
C ASP B 274 10.18 -9.26 -7.54
N ASN B 275 9.87 -10.42 -6.96
CA ASN B 275 8.63 -10.60 -6.21
C ASN B 275 8.77 -10.48 -4.68
N VAL B 276 9.72 -9.67 -4.23
CA VAL B 276 9.91 -9.43 -2.82
C VAL B 276 10.08 -7.92 -2.64
N VAL B 277 9.59 -7.40 -1.53
CA VAL B 277 9.72 -6.00 -1.24
C VAL B 277 10.42 -5.99 0.11
N LEU B 278 11.56 -5.32 0.15
CA LEU B 278 12.41 -5.24 1.33
C LEU B 278 12.52 -3.83 1.91
N THR B 279 12.28 -3.70 3.21
CA THR B 279 12.41 -2.39 3.86
C THR B 279 13.36 -2.56 5.06
N PRO B 280 14.16 -1.54 5.37
CA PRO B 280 15.12 -1.62 6.49
C PRO B 280 14.61 -1.46 7.92
N HIS B 281 13.79 -2.39 8.38
CA HIS B 281 13.26 -2.35 9.74
C HIS B 281 12.68 -0.98 10.07
N ILE B 282 11.75 -0.52 9.23
CA ILE B 282 11.12 0.78 9.41
C ILE B 282 9.68 0.71 9.92
N GLY B 283 9.27 -0.48 10.37
CA GLY B 283 7.94 -0.67 10.89
C GLY B 283 7.48 0.41 11.86
N ALA B 284 8.36 0.82 12.77
CA ALA B 284 8.04 1.86 13.74
C ALA B 284 8.53 3.25 13.33
N SER B 285 9.04 3.37 12.11
CA SER B 285 9.57 4.65 11.63
C SER B 285 8.58 5.69 11.06
N THR B 286 7.75 6.26 11.93
CA THR B 286 6.84 7.33 11.55
C THR B 286 7.00 8.40 12.62
N VAL B 287 6.83 9.66 12.25
CA VAL B 287 6.97 10.73 13.23
C VAL B 287 5.94 10.56 14.34
N GLU B 288 4.73 10.12 13.97
CA GLU B 288 3.67 9.91 14.95
C GLU B 288 4.07 8.87 15.98
N ALA B 289 4.58 7.73 15.51
CA ALA B 289 4.99 6.68 16.43
C ALA B 289 6.10 7.21 17.33
N GLN B 290 7.05 7.92 16.75
CA GLN B 290 8.17 8.48 17.50
C GLN B 290 7.71 9.41 18.60
N GLU B 291 6.65 10.19 18.33
CA GLU B 291 6.16 11.11 19.34
C GLU B 291 5.41 10.38 20.44
N ARG B 292 4.51 9.47 20.07
CA ARG B 292 3.76 8.72 21.04
C ARG B 292 4.69 7.96 21.97
N ALA B 293 5.84 7.55 21.43
CA ALA B 293 6.85 6.82 22.19
C ALA B 293 7.41 7.69 23.31
N GLY B 294 7.90 8.88 22.94
CA GLY B 294 8.46 9.78 23.91
C GLY B 294 7.45 10.18 24.96
N VAL B 295 6.20 10.39 24.54
CA VAL B 295 5.15 10.78 25.47
C VAL B 295 4.77 9.62 26.40
N GLU B 296 4.75 8.40 25.87
CA GLU B 296 4.39 7.24 26.67
C GLU B 296 5.39 6.95 27.78
N VAL B 297 6.67 7.07 27.48
CA VAL B 297 7.70 6.81 28.50
C VAL B 297 7.77 7.95 29.50
N ALA B 298 7.47 9.16 29.04
CA ALA B 298 7.48 10.32 29.91
C ALA B 298 6.48 10.10 31.02
N GLU B 299 5.29 9.62 30.66
CA GLU B 299 4.24 9.35 31.64
C GLU B 299 4.71 8.28 32.62
N LYS B 300 5.55 7.38 32.15
CA LYS B 300 6.05 6.31 33.02
C LYS B 300 7.12 6.84 33.99
N VAL B 301 7.99 7.71 33.44
CA VAL B 301 8.98 8.37 34.28
C VAL B 301 8.33 9.19 35.38
N VAL B 302 7.13 9.70 35.08
CA VAL B 302 6.44 10.55 36.05
C VAL B 302 5.71 9.70 37.11
N LYS B 303 4.89 8.76 36.61
CA LYS B 303 4.13 7.92 37.52
C LYS B 303 5.02 7.33 38.63
N ILE B 304 6.31 7.13 38.31
CA ILE B 304 7.19 6.46 39.25
C ILE B 304 7.84 7.42 40.25
N LEU B 305 8.65 8.37 39.74
CA LEU B 305 9.31 9.30 40.63
C LEU B 305 8.34 9.88 41.66
PA NAD C . -16.81 8.03 -13.00
O1A NAD C . -17.44 8.63 -14.20
O2A NAD C . -17.40 6.81 -12.41
O5B NAD C . -16.68 9.16 -11.86
C5B NAD C . -16.10 10.43 -12.15
C4B NAD C . -16.49 11.46 -11.09
O4B NAD C . -15.77 12.67 -11.37
C3B NAD C . -17.98 11.78 -11.20
O3B NAD C . -18.59 11.81 -9.90
C2B NAD C . -17.98 13.18 -11.83
O2B NAD C . -19.11 13.92 -11.36
C1B NAD C . -16.70 13.74 -11.20
N9A NAD C . -16.19 14.96 -11.89
C8A NAD C . -16.40 15.31 -13.16
N7A NAD C . -15.78 16.47 -13.42
C5A NAD C . -15.18 16.85 -12.30
C6A NAD C . -14.40 17.95 -11.94
N6A NAD C . -14.13 18.91 -12.82
N1A NAD C . -13.94 18.04 -10.68
C2A NAD C . -14.20 17.11 -9.77
N3A NAD C . -14.93 16.05 -10.09
C4A NAD C . -15.43 15.89 -11.32
O3 NAD C . -15.28 7.72 -13.39
PN NAD C . -14.35 6.70 -12.57
O1N NAD C . -14.34 5.40 -13.25
O2N NAD C . -14.65 6.75 -11.12
O5D NAD C . -12.95 7.46 -12.79
C5D NAD C . -11.75 6.74 -13.09
C4D NAD C . -10.71 7.73 -13.63
O4D NAD C . -9.50 6.96 -13.74
C3D NAD C . -11.04 8.13 -15.06
O3D NAD C . -10.19 9.18 -15.52
C2D NAD C . -10.70 6.82 -15.78
O2D NAD C . -10.45 7.05 -17.18
C1D NAD C . -9.38 6.48 -15.08
N1N NAD C . -9.03 5.04 -15.06
C2N NAD C . -7.69 4.69 -14.86
C3N NAD C . -7.31 3.35 -14.81
C7N NAD C . -5.85 2.99 -14.55
O7N NAD C . -5.40 1.89 -14.89
N7N NAD C . -5.14 3.93 -13.95
C4N NAD C . -8.27 2.37 -14.98
C5N NAD C . -9.61 2.70 -15.19
C6N NAD C . -10.00 4.03 -15.22
PA NAD D . 2.19 -8.54 21.37
O1A NAD D . 2.85 -9.09 22.58
O2A NAD D . 1.31 -7.35 21.53
O5B NAD D . 1.38 -9.71 20.64
C5B NAD D . 2.04 -10.94 20.31
C4B NAD D . 1.03 -12.04 20.00
O4B NAD D . 1.76 -13.21 19.60
C3B NAD D . 0.22 -12.42 21.25
O3B NAD D . -1.17 -12.51 20.94
C2B NAD D . 0.79 -13.80 21.60
O2B NAD D . -0.21 -14.61 22.21
C1B NAD D . 1.07 -14.32 20.19
N9A NAD D . 1.94 -15.52 20.16
C8A NAD D . 2.87 -15.85 21.06
N7A NAD D . 3.47 -16.98 20.69
C5A NAD D . 2.93 -17.37 19.54
C6A NAD D . 3.13 -18.43 18.67
N6A NAD D . 4.03 -19.37 18.96
N1A NAD D . 2.38 -18.53 17.56
C2A NAD D . 1.47 -17.61 17.27
N3A NAD D . 1.25 -16.58 18.07
C4A NAD D . 1.96 -16.43 19.20
O3 NAD D . 3.37 -8.19 20.33
PN NAD D . 3.26 -6.98 19.27
O1N NAD D . 3.41 -5.69 19.98
O2N NAD D . 2.05 -7.18 18.44
O5D NAD D . 4.56 -7.19 18.37
C5D NAD D . 4.59 -8.26 17.41
C4D NAD D . 5.95 -8.37 16.72
O4D NAD D . 6.23 -7.11 16.09
C3D NAD D . 7.09 -8.61 17.72
O3D NAD D . 8.07 -9.50 17.17
C2D NAD D . 7.68 -7.21 17.88
O2D NAD D . 9.05 -7.27 18.27
C1D NAD D . 7.58 -6.77 16.42
N1N NAD D . 7.84 -5.33 16.16
C2N NAD D . 8.42 -4.95 14.94
C3N NAD D . 8.65 -3.60 14.68
C7N NAD D . 9.26 -3.18 13.34
O7N NAD D . 9.80 -2.07 13.21
N7N NAD D . 9.20 -4.08 12.38
C4N NAD D . 8.32 -2.64 15.63
C5N NAD D . 7.75 -3.01 16.85
C6N NAD D . 7.51 -4.35 17.12
#